data_2FJY
#
_entry.id   2FJY
#
_cell.length_a   54.240
_cell.length_b   70.790
_cell.length_c   75.490
_cell.angle_alpha   90.00
_cell.angle_beta   90.00
_cell.angle_gamma   90.00
#
_symmetry.space_group_name_H-M   'P 21 21 21'
#
loop_
_entity.id
_entity.type
_entity.pdbx_description
1 polymer 'Pheromone-binding protein'
2 water water
#
_entity_poly.entity_id   1
_entity_poly.type   'polypeptide(L)'
_entity_poly.pdbx_seq_one_letter_code
;SQEVMKNLSLNFGKALDECKKEMTLTDAINEDFYNFWKEGYEIKNRETGCAIMCLSTKLNMLDPEGNLHHGNAMEFAKKH
GADETMAQQLIDIVHGCEKSTPANDDKCIWTLGVATCFKAEIHKLNWAPSMDVAVGEILAEV
;
_entity_poly.pdbx_strand_id   A,B
#
# COMPACT_ATOMS: atom_id res chain seq x y z
N ASN A 7 -9.68 0.93 7.00
CA ASN A 7 -9.71 -0.59 7.28
C ASN A 7 -8.48 -1.13 6.48
N LEU A 8 -7.69 -2.03 7.14
CA LEU A 8 -6.57 -2.79 6.50
C LEU A 8 -5.39 -1.83 5.99
N SER A 9 -4.71 -1.11 6.92
CA SER A 9 -3.41 -0.47 6.65
C SER A 9 -2.16 -1.44 6.43
N LEU A 10 -2.17 -2.66 6.96
CA LEU A 10 -1.11 -3.69 6.67
C LEU A 10 -1.47 -4.38 5.40
N ASN A 11 -0.47 -4.85 4.64
CA ASN A 11 -0.74 -5.54 3.36
C ASN A 11 -0.36 -7.00 3.49
N PHE A 12 -1.34 -7.88 3.36
CA PHE A 12 -1.07 -9.32 3.49
C PHE A 12 -1.10 -10.07 2.13
N GLY A 13 -1.54 -9.36 1.07
CA GLY A 13 -1.75 -9.98 -0.21
C GLY A 13 -0.65 -10.86 -0.74
N LYS A 14 0.54 -10.32 -0.90
CA LYS A 14 1.64 -11.07 -1.39
C LYS A 14 2.10 -12.09 -0.39
N ALA A 15 2.26 -11.67 0.81
CA ALA A 15 2.61 -12.66 1.92
C ALA A 15 1.68 -13.92 1.97
N LEU A 16 0.38 -13.71 1.93
CA LEU A 16 -0.57 -14.83 1.91
C LEU A 16 -0.34 -15.71 0.73
N ASP A 17 -0.10 -15.10 -0.45
CA ASP A 17 0.24 -15.87 -1.68
C ASP A 17 1.43 -16.76 -1.46
N GLU A 18 2.46 -16.19 -0.88
CA GLU A 18 3.65 -17.03 -0.65
C GLU A 18 3.37 -18.10 0.32
N CYS A 19 2.61 -17.78 1.35
CA CYS A 19 2.28 -18.82 2.37
C CYS A 19 1.50 -20.00 1.71
N LYS A 20 0.48 -19.71 0.83
CA LYS A 20 -0.29 -20.78 0.15
C LYS A 20 0.62 -21.84 -0.59
N LYS A 21 1.69 -21.37 -1.19
CA LYS A 21 2.64 -22.22 -1.94
C LYS A 21 3.59 -22.88 -0.98
N GLU A 22 4.06 -22.20 0.02
CA GLU A 22 5.00 -22.84 0.86
C GLU A 22 4.39 -23.90 1.81
N MET A 23 3.24 -23.61 2.45
CA MET A 23 2.55 -24.58 3.25
C MET A 23 1.44 -25.34 2.50
N THR A 24 1.49 -25.36 1.17
CA THR A 24 0.48 -25.99 0.34
C THR A 24 -0.92 -25.88 0.85
N LEU A 25 -1.39 -24.67 0.85
CA LEU A 25 -2.67 -24.36 1.41
C LEU A 25 -3.61 -24.08 0.26
N THR A 26 -4.91 -24.45 0.43
CA THR A 26 -5.86 -24.19 -0.66
C THR A 26 -6.18 -22.68 -0.71
N ASP A 27 -6.94 -22.30 -1.67
CA ASP A 27 -7.42 -20.89 -1.78
C ASP A 27 -8.36 -20.33 -0.70
N ALA A 28 -8.89 -21.26 0.11
CA ALA A 28 -9.77 -20.88 1.17
C ALA A 28 -9.11 -19.72 2.07
N ILE A 29 -7.80 -19.71 2.26
CA ILE A 29 -7.15 -18.72 3.13
C ILE A 29 -7.14 -17.33 2.64
N ASN A 30 -7.44 -17.08 1.38
CA ASN A 30 -7.45 -15.69 0.85
C ASN A 30 -8.54 -14.84 1.34
N GLU A 31 -9.60 -15.43 1.82
CA GLU A 31 -10.68 -14.70 2.43
C GLU A 31 -10.77 -15.09 3.96
N ASP A 32 -10.40 -16.35 4.30
CA ASP A 32 -10.54 -16.80 5.67
C ASP A 32 -9.66 -16.07 6.70
N PHE A 33 -8.53 -15.66 6.24
CA PHE A 33 -7.56 -14.97 7.14
C PHE A 33 -8.10 -13.70 7.56
N TYR A 34 -8.81 -13.03 6.62
CA TYR A 34 -9.37 -11.74 6.90
C TYR A 34 -10.62 -11.84 7.77
N ASN A 35 -11.48 -12.83 7.43
CA ASN A 35 -12.82 -12.89 8.08
C ASN A 35 -12.69 -13.44 9.46
N PHE A 36 -11.59 -14.11 9.72
CA PHE A 36 -11.27 -14.74 10.99
C PHE A 36 -11.42 -13.75 12.08
N TRP A 37 -11.05 -12.52 11.75
CA TRP A 37 -11.04 -11.41 12.76
C TRP A 37 -12.35 -10.58 12.93
N LYS A 38 -13.37 -10.84 12.12
CA LYS A 38 -14.60 -10.06 12.12
C LYS A 38 -15.47 -10.52 13.30
N GLU A 39 -16.29 -9.60 13.80
CA GLU A 39 -17.14 -9.84 14.92
C GLU A 39 -18.13 -10.97 14.69
N GLY A 40 -18.22 -11.85 15.66
CA GLY A 40 -19.09 -12.95 15.66
C GLY A 40 -18.79 -14.01 14.70
N TYR A 41 -17.55 -13.98 14.20
CA TYR A 41 -17.06 -15.01 13.26
C TYR A 41 -16.24 -15.93 13.99
N GLU A 42 -16.56 -17.20 13.95
CA GLU A 42 -15.70 -18.30 14.51
C GLU A 42 -15.27 -19.21 13.34
N ILE A 43 -14.01 -19.13 12.92
CA ILE A 43 -13.47 -19.99 11.89
C ILE A 43 -12.61 -21.03 12.51
N LYS A 44 -12.89 -22.34 12.19
CA LYS A 44 -12.33 -23.51 12.82
C LYS A 44 -11.43 -24.27 11.89
N ASN A 45 -11.09 -23.65 10.76
CA ASN A 45 -10.25 -24.32 9.79
C ASN A 45 -8.70 -24.18 10.19
N ARG A 46 -8.02 -25.29 10.14
CA ARG A 46 -6.56 -25.36 10.32
C ARG A 46 -5.79 -24.46 9.41
N GLU A 47 -6.05 -24.41 8.10
CA GLU A 47 -5.21 -23.61 7.18
C GLU A 47 -5.27 -22.17 7.55
N THR A 48 -6.32 -21.70 8.26
CA THR A 48 -6.30 -20.31 8.78
C THR A 48 -5.22 -20.22 9.89
N GLY A 49 -5.06 -21.29 10.65
CA GLY A 49 -3.98 -21.45 11.60
C GLY A 49 -2.63 -21.40 10.94
N CYS A 50 -2.54 -22.04 9.82
CA CYS A 50 -1.27 -22.12 9.09
C CYS A 50 -0.89 -20.73 8.51
N ALA A 51 -1.89 -20.00 8.07
CA ALA A 51 -1.76 -18.72 7.49
C ALA A 51 -1.23 -17.79 8.48
N ILE A 52 -1.83 -17.76 9.69
CA ILE A 52 -1.40 -16.90 10.78
C ILE A 52 0.10 -17.26 11.13
N MET A 53 0.35 -18.53 11.36
CA MET A 53 1.72 -18.96 11.73
C MET A 53 2.68 -18.53 10.63
N CYS A 54 2.32 -18.67 9.36
CA CYS A 54 3.24 -18.38 8.26
C CYS A 54 3.38 -16.88 8.09
N LEU A 55 2.36 -16.08 8.23
CA LEU A 55 2.50 -14.58 8.23
C LEU A 55 3.30 -14.03 9.44
N SER A 56 3.24 -14.70 10.60
CA SER A 56 4.13 -14.24 11.65
C SER A 56 5.59 -14.43 11.22
N THR A 57 5.85 -15.21 10.15
CA THR A 57 7.28 -15.42 9.58
C THR A 57 7.65 -14.43 8.48
N LYS A 58 6.72 -13.57 8.02
CA LYS A 58 7.00 -12.57 6.99
C LYS A 58 6.59 -11.17 7.35
N LEU A 59 6.91 -10.71 8.53
CA LEU A 59 6.48 -9.37 9.05
C LEU A 59 6.97 -8.32 8.22
N ASN A 60 8.10 -8.56 7.61
CA ASN A 60 8.79 -7.52 6.80
C ASN A 60 8.09 -7.18 5.59
N MET A 61 7.09 -7.94 5.24
CA MET A 61 6.33 -7.67 4.03
C MET A 61 5.00 -7.04 4.41
N LEU A 62 4.67 -6.91 5.68
CA LEU A 62 3.28 -6.53 6.02
C LEU A 62 3.15 -5.03 6.35
N ASP A 63 4.14 -4.48 7.10
CA ASP A 63 4.32 -3.11 7.59
C ASP A 63 4.88 -2.22 6.44
N PRO A 64 4.04 -1.37 5.82
CA PRO A 64 4.57 -0.44 4.76
C PRO A 64 5.69 0.53 5.26
N GLU A 65 5.81 0.74 6.58
CA GLU A 65 6.70 1.70 7.19
C GLU A 65 7.80 0.90 7.84
N GLY A 66 7.78 -0.47 7.80
CA GLY A 66 8.88 -1.22 8.34
C GLY A 66 9.10 -1.14 9.87
N ASN A 67 7.99 -1.08 10.67
CA ASN A 67 8.19 -0.99 12.09
C ASN A 67 7.75 -2.26 12.78
N LEU A 68 7.20 -3.17 12.00
CA LEU A 68 6.68 -4.41 12.51
C LEU A 68 7.75 -5.54 12.51
N HIS A 69 8.30 -5.90 13.71
CA HIS A 69 9.35 -6.90 13.83
C HIS A 69 8.93 -7.79 15.00
N HIS A 70 9.46 -8.97 15.06
CA HIS A 70 9.12 -9.94 16.09
C HIS A 70 9.58 -9.54 17.52
N GLY A 71 8.67 -9.52 18.51
CA GLY A 71 9.00 -9.21 19.86
C GLY A 71 9.45 -7.73 20.04
N ASN A 72 9.22 -6.90 19.07
CA ASN A 72 9.75 -5.60 18.95
C ASN A 72 8.91 -4.70 18.05
N ALA A 73 7.73 -4.23 18.52
CA ALA A 73 6.73 -3.58 17.68
C ALA A 73 6.13 -2.34 18.27
N MET A 74 6.81 -1.72 19.24
CA MET A 74 6.25 -0.59 19.93
C MET A 74 6.08 0.58 19.00
N GLU A 75 7.01 0.81 18.11
CA GLU A 75 6.86 1.94 17.21
C GLU A 75 5.73 1.70 16.29
N PHE A 76 5.50 0.46 15.85
CA PHE A 76 4.34 0.18 14.98
C PHE A 76 3.00 0.42 15.74
N ALA A 77 3.00 -0.03 17.00
CA ALA A 77 1.89 0.15 17.79
C ALA A 77 1.53 1.65 17.89
N LYS A 78 2.48 2.43 18.29
CA LYS A 78 2.30 3.84 18.43
C LYS A 78 1.61 4.50 17.28
N LYS A 79 2.09 4.15 16.09
CA LYS A 79 1.55 4.65 14.80
C LYS A 79 0.22 4.08 14.45
N HIS A 80 -0.26 3.13 15.25
CA HIS A 80 -1.60 2.57 15.05
C HIS A 80 -2.56 2.70 16.31
N GLY A 81 -2.47 3.82 16.99
CA GLY A 81 -3.41 4.14 18.01
C GLY A 81 -3.08 3.61 19.35
N ALA A 82 -1.96 2.90 19.53
CA ALA A 82 -1.71 2.37 20.88
C ALA A 82 -0.35 2.70 21.46
N ASP A 83 -0.32 3.22 22.69
CA ASP A 83 0.98 3.58 23.35
C ASP A 83 1.57 2.31 23.91
N GLU A 84 2.56 2.43 24.75
CA GLU A 84 3.29 1.22 25.15
C GLU A 84 2.59 0.33 26.14
N THR A 85 1.84 0.92 26.99
CA THR A 85 1.11 0.18 28.04
C THR A 85 -0.05 -0.57 27.34
N MET A 86 -0.66 0.08 26.35
CA MET A 86 -1.75 -0.48 25.57
C MET A 86 -1.17 -1.72 24.70
N ALA A 87 -0.11 -1.44 23.94
CA ALA A 87 0.63 -2.49 23.24
C ALA A 87 1.03 -3.59 24.10
N GLN A 88 1.44 -3.27 25.28
CA GLN A 88 1.94 -4.31 26.20
C GLN A 88 0.81 -5.20 26.69
N GLN A 89 -0.37 -4.63 26.89
CA GLN A 89 -1.46 -5.46 27.28
C GLN A 89 -1.88 -6.43 26.20
N LEU A 90 -1.81 -6.03 24.90
CA LEU A 90 -2.08 -6.95 23.79
C LEU A 90 -1.02 -8.10 23.83
N ILE A 91 0.26 -7.74 24.07
CA ILE A 91 1.37 -8.70 24.12
C ILE A 91 1.21 -9.74 25.22
N ASP A 92 0.70 -9.28 26.36
CA ASP A 92 0.49 -10.14 27.51
C ASP A 92 -0.67 -11.06 27.23
N ILE A 93 -1.65 -10.60 26.47
CA ILE A 93 -2.77 -11.52 26.16
C ILE A 93 -2.28 -12.60 25.22
N VAL A 94 -1.41 -12.26 24.27
CA VAL A 94 -0.86 -13.32 23.36
C VAL A 94 -0.14 -14.31 24.14
N HIS A 95 0.73 -13.84 25.08
CA HIS A 95 1.54 -14.80 25.94
C HIS A 95 0.63 -15.64 26.84
N GLY A 96 -0.37 -15.06 27.45
CA GLY A 96 -1.24 -15.82 28.31
C GLY A 96 -2.02 -16.85 27.50
N CYS A 97 -2.31 -16.52 26.27
CA CYS A 97 -3.06 -17.36 25.30
C CYS A 97 -2.16 -18.51 24.82
N GLU A 98 -0.89 -18.18 24.56
CA GLU A 98 0.11 -19.21 24.22
C GLU A 98 0.31 -20.25 25.34
N LYS A 99 0.01 -19.89 26.60
CA LYS A 99 0.07 -20.74 27.74
C LYS A 99 -1.21 -21.48 27.92
N SER A 100 -2.39 -20.82 27.85
CA SER A 100 -3.65 -21.49 28.07
C SER A 100 -4.21 -22.44 26.95
N THR A 101 -3.72 -22.32 25.71
CA THR A 101 -4.26 -23.09 24.53
C THR A 101 -3.75 -24.52 24.62
N PRO A 102 -4.60 -25.46 24.35
CA PRO A 102 -4.16 -26.83 24.56
C PRO A 102 -3.04 -27.18 23.65
N ALA A 103 -2.17 -28.06 24.10
CA ALA A 103 -1.04 -28.47 23.32
C ALA A 103 -1.46 -29.22 22.10
N ASN A 104 -0.56 -29.20 21.11
CA ASN A 104 -0.87 -29.80 19.82
C ASN A 104 0.38 -29.82 18.89
N ASP A 105 0.65 -31.03 18.37
CA ASP A 105 1.73 -31.30 17.41
C ASP A 105 1.51 -30.57 16.08
N ASP A 106 0.25 -30.46 15.65
CA ASP A 106 -0.04 -29.59 14.52
C ASP A 106 0.12 -28.13 15.09
N LYS A 107 1.20 -27.47 14.71
CA LYS A 107 1.36 -26.11 15.09
C LYS A 107 0.30 -25.12 14.41
N CYS A 108 -0.27 -25.54 13.30
CA CYS A 108 -1.31 -24.79 12.67
C CYS A 108 -2.50 -24.78 13.50
N ILE A 109 -2.85 -25.92 14.06
CA ILE A 109 -4.00 -26.01 14.98
C ILE A 109 -3.82 -25.22 16.29
N TRP A 110 -2.68 -25.32 16.90
CA TRP A 110 -2.35 -24.59 18.10
C TRP A 110 -2.36 -23.13 17.91
N THR A 111 -1.87 -22.66 16.79
CA THR A 111 -1.90 -21.34 16.49
C THR A 111 -3.24 -20.81 16.26
N LEU A 112 -4.05 -21.53 15.54
CA LEU A 112 -5.50 -21.15 15.44
C LEU A 112 -6.13 -21.04 16.88
N GLY A 113 -5.71 -21.96 17.74
CA GLY A 113 -6.21 -21.84 19.10
C GLY A 113 -5.85 -20.48 19.76
N VAL A 114 -4.61 -20.14 19.61
CA VAL A 114 -4.08 -18.97 20.28
C VAL A 114 -4.72 -17.77 19.77
N ALA A 115 -4.86 -17.66 18.41
CA ALA A 115 -5.47 -16.52 17.77
C ALA A 115 -6.94 -16.42 18.19
N THR A 116 -7.62 -17.55 18.26
CA THR A 116 -9.01 -17.66 18.76
C THR A 116 -9.18 -17.08 20.21
N CYS A 117 -8.32 -17.54 21.11
CA CYS A 117 -8.27 -17.10 22.49
C CYS A 117 -7.93 -15.64 22.47
N PHE A 118 -6.93 -15.17 21.65
CA PHE A 118 -6.47 -13.80 21.58
C PHE A 118 -7.66 -12.96 21.20
N LYS A 119 -8.29 -13.32 20.13
CA LYS A 119 -9.46 -12.46 19.62
C LYS A 119 -10.51 -12.28 20.73
N ALA A 120 -10.77 -13.31 21.48
CA ALA A 120 -11.81 -13.15 22.51
C ALA A 120 -11.33 -12.29 23.63
N GLU A 121 -10.06 -12.38 23.98
CA GLU A 121 -9.55 -11.56 25.14
C GLU A 121 -9.40 -10.09 24.84
N ILE A 122 -8.82 -9.75 23.70
CA ILE A 122 -8.66 -8.35 23.33
C ILE A 122 -10.07 -7.60 23.24
N HIS A 123 -11.11 -8.39 22.92
CA HIS A 123 -12.47 -7.88 22.86
C HIS A 123 -12.91 -7.32 24.21
N LYS A 124 -12.29 -7.79 25.31
CA LYS A 124 -12.64 -7.43 26.68
C LYS A 124 -11.93 -6.15 27.08
N LEU A 125 -11.09 -5.63 26.23
CA LEU A 125 -10.39 -4.44 26.53
C LEU A 125 -11.36 -3.26 26.37
N ASN A 126 -11.38 -2.38 27.34
CA ASN A 126 -12.26 -1.20 27.24
C ASN A 126 -11.92 -0.21 26.04
N TRP A 127 -10.62 0.06 25.81
CA TRP A 127 -10.19 0.63 24.51
C TRP A 127 -10.39 -0.46 23.46
N ALA A 128 -10.55 -0.04 22.24
CA ALA A 128 -10.90 -0.93 21.14
C ALA A 128 -9.74 -0.90 20.18
N PRO A 129 -8.86 -1.90 20.17
CA PRO A 129 -7.70 -1.99 19.23
C PRO A 129 -8.15 -2.03 17.78
N SER A 130 -7.46 -1.28 16.88
CA SER A 130 -7.69 -1.50 15.45
C SER A 130 -7.30 -2.91 15.09
N MET A 131 -7.94 -3.49 14.10
CA MET A 131 -7.46 -4.83 13.59
C MET A 131 -6.01 -4.86 13.22
N ASP A 132 -5.46 -3.80 12.61
CA ASP A 132 -4.05 -3.60 12.36
C ASP A 132 -3.21 -3.79 13.56
N VAL A 133 -3.48 -3.09 14.66
CA VAL A 133 -2.56 -3.28 15.79
C VAL A 133 -2.75 -4.54 16.54
N ALA A 134 -4.00 -5.04 16.58
CA ALA A 134 -4.28 -6.41 17.11
C ALA A 134 -3.68 -7.53 16.38
N VAL A 135 -3.82 -7.53 15.11
CA VAL A 135 -3.22 -8.58 14.23
C VAL A 135 -1.80 -8.50 14.19
N GLY A 136 -1.30 -7.30 14.13
CA GLY A 136 0.15 -6.97 14.06
C GLY A 136 0.88 -7.50 15.25
N GLU A 137 0.30 -7.21 16.42
CA GLU A 137 0.82 -7.67 17.74
C GLU A 137 0.77 -9.12 17.96
N ILE A 138 -0.31 -9.79 17.58
CA ILE A 138 -0.24 -11.29 17.69
C ILE A 138 0.77 -11.89 16.68
N LEU A 139 0.78 -11.40 15.47
CA LEU A 139 1.72 -11.89 14.47
C LEU A 139 3.12 -11.65 14.88
N ALA A 140 3.34 -10.59 15.63
CA ALA A 140 4.64 -10.25 16.22
C ALA A 140 5.08 -10.96 17.50
N GLU A 141 4.16 -11.61 18.14
CA GLU A 141 4.48 -12.43 19.26
C GLU A 141 4.34 -13.90 19.00
N VAL A 142 3.80 -14.31 17.92
CA VAL A 142 3.62 -15.78 17.62
C VAL A 142 4.90 -16.41 17.07
N SER B 1 5.77 36.73 -26.80
CA SER B 1 4.79 35.93 -27.54
C SER B 1 4.90 34.33 -27.34
N GLN B 2 4.67 33.81 -26.08
CA GLN B 2 4.26 32.36 -25.90
C GLN B 2 2.82 32.05 -25.33
N GLU B 3 2.48 30.78 -25.52
CA GLU B 3 1.12 30.24 -25.41
C GLU B 3 1.27 28.77 -24.83
N VAL B 4 0.71 27.71 -25.49
CA VAL B 4 0.71 26.28 -24.98
C VAL B 4 0.73 26.33 -23.42
N MET B 5 -0.34 26.96 -22.82
CA MET B 5 -0.58 27.06 -21.33
C MET B 5 -1.94 26.36 -20.79
N LYS B 6 -2.86 25.99 -21.75
CA LYS B 6 -4.13 25.13 -21.57
C LYS B 6 -4.02 23.83 -20.65
N ASN B 7 -5.17 23.11 -20.38
CA ASN B 7 -5.22 21.80 -19.57
C ASN B 7 -4.35 20.65 -20.16
N LEU B 8 -3.09 20.53 -19.63
CA LEU B 8 -2.01 19.71 -20.24
C LEU B 8 -0.85 20.61 -20.99
N SER B 9 -0.24 21.60 -20.27
CA SER B 9 1.03 22.36 -20.68
C SER B 9 2.27 21.46 -20.93
N LEU B 10 2.19 20.23 -20.38
CA LEU B 10 3.22 19.17 -20.45
C LEU B 10 3.00 18.44 -21.78
N ASN B 11 4.02 18.25 -22.62
CA ASN B 11 3.82 17.54 -23.91
C ASN B 11 4.04 16.06 -23.67
N PHE B 12 3.05 15.25 -23.87
CA PHE B 12 3.23 13.79 -23.68
C PHE B 12 3.27 13.04 -25.01
N GLY B 13 2.85 13.72 -26.10
CA GLY B 13 2.70 13.10 -27.44
C GLY B 13 3.84 12.20 -27.87
N LYS B 14 4.98 12.82 -28.03
CA LYS B 14 6.17 12.10 -28.31
C LYS B 14 6.38 11.00 -27.32
N ALA B 15 6.52 11.34 -26.07
CA ALA B 15 6.91 10.33 -25.03
C ALA B 15 6.05 9.06 -25.03
N LEU B 16 4.76 9.24 -25.21
CA LEU B 16 3.84 8.14 -25.20
C LEU B 16 4.05 7.24 -26.35
N ASP B 17 4.17 7.79 -27.58
CA ASP B 17 4.31 6.94 -28.78
C ASP B 17 5.62 6.25 -28.65
N GLU B 18 6.62 6.91 -28.09
CA GLU B 18 7.96 6.30 -27.89
C GLU B 18 7.77 5.14 -26.86
N CYS B 19 6.99 5.33 -25.81
CA CYS B 19 6.77 4.31 -24.83
C CYS B 19 6.00 3.13 -25.38
N LYS B 20 4.93 3.35 -26.23
CA LYS B 20 4.21 2.22 -26.90
C LYS B 20 5.14 1.16 -27.57
N LYS B 21 6.02 1.64 -28.42
CA LYS B 21 7.03 0.84 -29.00
C LYS B 21 7.90 0.15 -28.03
N GLU B 22 8.52 0.88 -27.11
CA GLU B 22 9.55 0.24 -26.29
C GLU B 22 8.95 -0.84 -25.50
N MET B 23 7.79 -0.57 -24.87
CA MET B 23 7.15 -1.55 -23.92
C MET B 23 6.01 -2.40 -24.56
N THR B 24 6.00 -2.45 -25.89
CA THR B 24 4.98 -3.14 -26.71
C THR B 24 3.52 -3.06 -26.22
N LEU B 25 3.03 -1.82 -26.15
CA LEU B 25 1.81 -1.49 -25.57
C LEU B 25 0.85 -1.20 -26.72
N THR B 26 -0.44 -1.61 -26.57
CA THR B 26 -1.46 -1.33 -27.61
C THR B 26 -1.79 0.10 -27.64
N ASP B 27 -2.59 0.47 -28.58
CA ASP B 27 -3.03 1.91 -28.78
C ASP B 27 -3.92 2.51 -27.68
N ALA B 28 -4.45 1.67 -26.80
CA ALA B 28 -5.33 2.11 -25.76
C ALA B 28 -4.65 3.18 -24.84
N ILE B 29 -3.32 3.14 -24.66
CA ILE B 29 -2.65 4.08 -23.76
C ILE B 29 -2.70 5.52 -24.35
N ASN B 30 -3.15 5.75 -25.55
CA ASN B 30 -3.02 7.12 -26.05
C ASN B 30 -4.14 8.01 -25.52
N GLU B 31 -5.22 7.39 -25.06
CA GLU B 31 -6.32 8.12 -24.36
C GLU B 31 -6.30 7.77 -22.92
N ASP B 32 -5.95 6.49 -22.57
CA ASP B 32 -6.09 6.04 -21.17
C ASP B 32 -5.24 6.85 -20.22
N PHE B 33 -4.08 7.23 -20.73
CA PHE B 33 -3.11 7.86 -19.87
C PHE B 33 -3.71 9.15 -19.45
N TYR B 34 -4.35 9.85 -20.38
CA TYR B 34 -4.89 11.14 -20.11
C TYR B 34 -6.08 11.00 -19.30
N ASN B 35 -6.98 10.11 -19.72
CA ASN B 35 -8.28 9.96 -18.97
C ASN B 35 -8.12 9.44 -17.56
N PHE B 36 -6.96 8.89 -17.21
CA PHE B 36 -6.77 8.24 -15.96
C PHE B 36 -6.90 9.24 -14.92
N TRP B 37 -6.61 10.50 -15.25
CA TRP B 37 -6.67 11.52 -14.28
C TRP B 37 -7.96 12.31 -14.16
N LYS B 38 -8.93 11.98 -14.97
CA LYS B 38 -10.16 12.76 -14.97
C LYS B 38 -11.01 12.38 -13.72
N GLU B 39 -11.82 13.33 -13.22
CA GLU B 39 -12.65 13.10 -12.02
C GLU B 39 -13.73 12.00 -12.20
N GLY B 40 -13.76 11.12 -11.22
CA GLY B 40 -14.62 10.01 -11.22
C GLY B 40 -14.22 8.93 -12.18
N TYR B 41 -12.99 8.90 -12.62
CA TYR B 41 -12.56 7.91 -13.54
C TYR B 41 -11.64 6.95 -12.81
N GLU B 42 -11.97 5.65 -12.89
CA GLU B 42 -11.14 4.59 -12.31
C GLU B 42 -10.76 3.71 -13.51
N ILE B 43 -9.49 3.79 -13.91
CA ILE B 43 -8.96 2.93 -14.96
C ILE B 43 -8.12 1.85 -14.31
N LYS B 44 -8.39 0.53 -14.62
CA LYS B 44 -7.81 -0.60 -14.04
C LYS B 44 -6.83 -1.35 -15.01
N ASN B 45 -6.61 -0.77 -16.21
CA ASN B 45 -5.73 -1.38 -17.18
C ASN B 45 -4.21 -1.22 -16.78
N ARG B 46 -3.56 -2.36 -16.69
CA ARG B 46 -2.11 -2.42 -16.59
C ARG B 46 -1.36 -1.49 -17.50
N GLU B 47 -1.74 -1.52 -18.75
CA GLU B 47 -1.05 -0.74 -19.80
C GLU B 47 -0.86 0.73 -19.28
N THR B 48 -1.89 1.31 -18.61
CA THR B 48 -1.82 2.68 -18.16
C THR B 48 -0.74 2.81 -17.06
N GLY B 49 -0.63 1.74 -16.27
CA GLY B 49 0.49 1.58 -15.39
C GLY B 49 1.86 1.59 -16.06
N CYS B 50 1.96 0.86 -17.11
CA CYS B 50 3.25 0.77 -17.84
C CYS B 50 3.63 2.16 -18.41
N ALA B 51 2.60 2.81 -18.99
CA ALA B 51 2.77 4.19 -19.53
C ALA B 51 3.33 5.13 -18.49
N ILE B 52 2.77 5.12 -17.30
CA ILE B 52 3.14 6.02 -16.23
C ILE B 52 4.56 5.78 -15.86
N MET B 53 4.83 4.50 -15.61
CA MET B 53 6.16 4.09 -15.24
C MET B 53 7.19 4.51 -16.32
N CYS B 54 6.84 4.36 -17.56
CA CYS B 54 7.72 4.67 -18.63
C CYS B 54 7.86 6.18 -18.83
N LEU B 55 6.78 6.96 -18.89
CA LEU B 55 6.94 8.40 -18.86
C LEU B 55 7.81 8.95 -17.70
N SER B 56 7.76 8.32 -16.51
CA SER B 56 8.65 8.71 -15.48
C SER B 56 10.12 8.67 -15.95
N THR B 57 10.45 7.79 -16.96
CA THR B 57 11.86 7.71 -17.42
C THR B 57 12.05 8.63 -18.57
N LYS B 58 11.17 9.59 -18.83
CA LYS B 58 11.33 10.49 -19.99
C LYS B 58 10.96 11.87 -19.63
N LEU B 59 11.46 12.31 -18.54
CA LEU B 59 11.08 13.61 -17.99
C LEU B 59 11.57 14.71 -18.84
N ASN B 60 12.69 14.47 -19.46
CA ASN B 60 13.27 15.49 -20.31
C ASN B 60 12.46 15.79 -21.50
N MET B 61 11.49 15.00 -21.82
CA MET B 61 10.70 15.24 -22.99
C MET B 61 9.39 15.98 -22.69
N LEU B 62 8.89 15.85 -21.47
CA LEU B 62 7.54 16.39 -21.11
C LEU B 62 7.44 17.93 -20.79
N ASP B 63 8.52 18.53 -20.22
CA ASP B 63 8.78 19.93 -19.78
C ASP B 63 9.42 20.85 -20.89
N PRO B 64 8.66 21.63 -21.58
CA PRO B 64 9.23 22.62 -22.56
C PRO B 64 10.13 23.67 -21.97
N GLU B 65 10.12 23.88 -20.70
CA GLU B 65 11.11 24.74 -20.07
C GLU B 65 12.22 23.90 -19.38
N GLY B 66 12.12 22.58 -19.28
CA GLY B 66 13.26 21.81 -18.79
C GLY B 66 13.53 21.91 -17.32
N ASN B 67 12.46 21.99 -16.51
CA ASN B 67 12.57 22.04 -15.03
C ASN B 67 12.17 20.76 -14.35
N LEU B 68 11.60 19.84 -15.10
CA LEU B 68 11.19 18.62 -14.52
C LEU B 68 12.21 17.52 -14.52
N HIS B 69 12.85 17.29 -13.38
CA HIS B 69 13.86 16.21 -13.21
C HIS B 69 13.38 15.33 -12.15
N HIS B 70 13.92 14.14 -12.10
CA HIS B 70 13.56 13.06 -11.11
C HIS B 70 14.14 13.50 -9.73
N GLY B 71 13.31 13.63 -8.70
CA GLY B 71 13.73 14.00 -7.37
C GLY B 71 14.09 15.49 -7.19
N ASN B 72 13.74 16.28 -8.21
CA ASN B 72 14.20 17.62 -8.33
C ASN B 72 13.29 18.46 -9.17
N ALA B 73 12.12 18.85 -8.63
CA ALA B 73 11.24 19.60 -9.53
C ALA B 73 10.60 20.82 -8.92
N MET B 74 11.29 21.45 -7.96
CA MET B 74 10.74 22.61 -7.24
C MET B 74 10.48 23.77 -8.12
N GLU B 75 11.23 23.88 -9.15
CA GLU B 75 11.11 24.98 -10.05
C GLU B 75 10.01 24.76 -11.04
N PHE B 76 9.80 23.52 -11.47
CA PHE B 76 8.71 23.30 -12.40
C PHE B 76 7.38 23.49 -11.60
N ALA B 77 7.39 23.08 -10.32
CA ALA B 77 6.29 23.17 -9.46
C ALA B 77 5.91 24.62 -9.26
N LYS B 78 6.91 25.44 -8.95
CA LYS B 78 6.73 26.84 -8.64
C LYS B 78 6.18 27.49 -9.79
N LYS B 79 6.68 27.14 -10.99
CA LYS B 79 6.06 27.70 -12.28
C LYS B 79 4.69 27.10 -12.60
N HIS B 80 4.27 26.11 -11.79
CA HIS B 80 2.93 25.52 -11.99
C HIS B 80 2.00 25.79 -10.82
N GLY B 81 2.17 26.94 -10.10
CA GLY B 81 1.36 27.23 -8.94
C GLY B 81 1.57 26.56 -7.55
N ALA B 82 2.68 25.88 -7.35
CA ALA B 82 2.91 25.36 -6.07
C ALA B 82 4.22 25.74 -5.52
N ASP B 83 4.27 26.34 -4.32
CA ASP B 83 5.62 26.65 -3.66
C ASP B 83 6.15 25.35 -3.10
N GLU B 84 7.15 25.45 -2.30
CA GLU B 84 7.98 24.27 -1.98
C GLU B 84 7.30 23.46 -1.00
N THR B 85 6.52 24.09 -0.13
CA THR B 85 5.75 23.32 0.86
C THR B 85 4.63 22.57 0.20
N MET B 86 3.93 23.27 -0.71
CA MET B 86 2.84 22.63 -1.48
C MET B 86 3.41 21.37 -2.29
N ALA B 87 4.49 21.62 -3.06
CA ALA B 87 5.13 20.52 -3.80
C ALA B 87 5.46 19.35 -2.90
N GLN B 88 6.04 19.68 -1.78
CA GLN B 88 6.55 18.63 -0.87
C GLN B 88 5.39 17.80 -0.35
N GLN B 89 4.20 18.36 -0.27
CA GLN B 89 3.10 17.67 0.22
C GLN B 89 2.70 16.63 -0.82
N LEU B 90 2.81 16.98 -2.10
CA LEU B 90 2.58 15.98 -3.16
C LEU B 90 3.65 14.94 -3.18
N ILE B 91 4.85 15.34 -3.00
CA ILE B 91 5.97 14.42 -2.94
C ILE B 91 5.78 13.39 -1.77
N ASP B 92 5.35 13.85 -0.61
CA ASP B 92 5.11 12.93 0.49
C ASP B 92 3.94 12.03 0.25
N ILE B 93 2.97 12.45 -0.57
CA ILE B 93 1.85 11.54 -0.90
C ILE B 93 2.37 10.43 -1.75
N VAL B 94 3.23 10.78 -2.72
CA VAL B 94 3.74 9.74 -3.64
C VAL B 94 4.47 8.78 -2.86
N HIS B 95 5.30 9.26 -1.99
CA HIS B 95 6.15 8.30 -1.11
C HIS B 95 5.31 7.44 -0.22
N GLY B 96 4.19 7.93 0.31
CA GLY B 96 3.41 7.13 1.21
C GLY B 96 2.62 6.14 0.40
N CYS B 97 2.36 6.49 -0.85
CA CYS B 97 1.56 5.62 -1.65
C CYS B 97 2.43 4.52 -2.20
N GLU B 98 3.71 4.83 -2.45
CA GLU B 98 4.65 3.79 -2.86
C GLU B 98 4.82 2.68 -1.79
N LYS B 99 4.59 3.07 -0.54
CA LYS B 99 4.60 2.18 0.61
C LYS B 99 3.34 1.49 0.84
N SER B 100 2.21 2.16 0.73
CA SER B 100 0.92 1.54 1.03
C SER B 100 0.41 0.58 -0.02
N THR B 101 0.81 0.82 -1.27
CA THR B 101 0.41 0.00 -2.35
C THR B 101 0.96 -1.39 -2.23
N PRO B 102 0.10 -2.40 -2.42
CA PRO B 102 0.58 -3.74 -2.26
C PRO B 102 1.69 -4.06 -3.18
N ALA B 103 2.63 -4.86 -2.74
CA ALA B 103 3.84 -5.16 -3.49
C ALA B 103 3.43 -6.00 -4.69
N ASN B 104 4.32 -6.01 -5.70
CA ASN B 104 3.97 -6.66 -7.00
C ASN B 104 5.19 -6.66 -7.98
N ASP B 105 5.57 -7.89 -8.40
CA ASP B 105 6.63 -8.11 -9.28
C ASP B 105 6.38 -7.39 -10.59
N ASP B 106 5.14 -7.33 -11.06
CA ASP B 106 4.87 -6.56 -12.25
C ASP B 106 4.86 -5.11 -11.79
N LYS B 107 5.76 -4.29 -12.24
CA LYS B 107 5.92 -2.97 -11.86
C LYS B 107 4.87 -2.04 -12.54
N CYS B 108 4.32 -2.48 -13.67
CA CYS B 108 3.25 -1.71 -14.35
C CYS B 108 2.02 -1.75 -13.48
N ILE B 109 1.68 -2.91 -12.96
CA ILE B 109 0.55 -3.00 -11.93
C ILE B 109 0.87 -2.21 -10.67
N TRP B 110 2.03 -2.32 -10.11
CA TRP B 110 2.34 -1.58 -8.89
C TRP B 110 2.27 -0.10 -9.16
N THR B 111 2.82 0.35 -10.29
CA THR B 111 2.78 1.81 -10.63
C THR B 111 1.38 2.30 -10.76
N LEU B 112 0.54 1.52 -11.41
CA LEU B 112 -0.88 1.91 -11.53
C LEU B 112 -1.56 2.09 -10.13
N GLY B 113 -1.34 1.17 -9.24
CA GLY B 113 -1.90 1.28 -7.89
C GLY B 113 -1.36 2.52 -7.11
N VAL B 114 -0.06 2.87 -7.33
CA VAL B 114 0.53 4.06 -6.75
C VAL B 114 -0.10 5.31 -7.23
N ALA B 115 -0.34 5.37 -8.55
CA ALA B 115 -0.90 6.52 -9.17
C ALA B 115 -2.32 6.58 -8.75
N THR B 116 -3.03 5.48 -8.78
CA THR B 116 -4.43 5.37 -8.20
C THR B 116 -4.56 5.90 -6.71
N CYS B 117 -3.69 5.47 -5.80
CA CYS B 117 -3.60 5.96 -4.43
C CYS B 117 -3.20 7.45 -4.40
N PHE B 118 -2.22 7.85 -5.23
CA PHE B 118 -1.83 9.28 -5.38
C PHE B 118 -2.98 10.19 -5.81
N LYS B 119 -3.75 9.71 -6.74
CA LYS B 119 -4.88 10.50 -7.28
C LYS B 119 -5.93 10.78 -6.22
N ALA B 120 -6.35 9.73 -5.52
CA ALA B 120 -7.35 9.90 -4.49
C ALA B 120 -6.80 10.69 -3.33
N GLU B 121 -5.52 10.61 -2.99
CA GLU B 121 -4.98 11.35 -1.83
C GLU B 121 -4.77 12.90 -2.07
N ILE B 122 -4.29 13.34 -3.23
CA ILE B 122 -4.07 14.75 -3.61
C ILE B 122 -5.46 15.49 -3.68
N HIS B 123 -6.52 14.70 -3.89
CA HIS B 123 -7.87 15.19 -3.93
C HIS B 123 -8.32 15.67 -2.54
N LYS B 124 -7.65 15.18 -1.46
CA LYS B 124 -7.93 15.59 -0.06
C LYS B 124 -7.29 16.90 0.35
N LEU B 125 -6.50 17.50 -0.51
CA LEU B 125 -5.74 18.67 -0.16
C LEU B 125 -6.57 19.96 -0.41
N ASN B 126 -6.43 20.90 0.49
CA ASN B 126 -7.36 22.01 0.48
C ASN B 126 -7.13 22.94 -0.74
N TRP B 127 -5.88 23.13 -1.06
CA TRP B 127 -5.53 23.65 -2.33
C TRP B 127 -5.72 22.52 -3.42
N ALA B 128 -6.00 22.96 -4.63
CA ALA B 128 -6.31 22.09 -5.72
C ALA B 128 -5.17 22.12 -6.72
N PRO B 129 -4.33 21.11 -6.75
CA PRO B 129 -3.16 21.02 -7.68
C PRO B 129 -3.56 20.91 -9.11
N SER B 130 -2.94 21.68 -10.00
CA SER B 130 -3.22 21.48 -11.40
C SER B 130 -2.84 20.09 -11.78
N MET B 131 -3.49 19.54 -12.82
CA MET B 131 -3.05 18.24 -13.27
C MET B 131 -1.55 18.16 -13.64
N ASP B 132 -1.04 19.17 -14.33
CA ASP B 132 0.35 19.32 -14.64
C ASP B 132 1.25 19.23 -13.46
N VAL B 133 0.97 19.98 -12.41
CA VAL B 133 1.79 19.86 -11.19
C VAL B 133 1.75 18.50 -10.55
N ALA B 134 0.52 17.98 -10.40
CA ALA B 134 0.33 16.62 -9.85
C ALA B 134 0.92 15.45 -10.65
N VAL B 135 0.78 15.46 -11.92
CA VAL B 135 1.26 14.43 -12.77
C VAL B 135 2.71 14.54 -12.80
N GLY B 136 3.19 15.77 -12.98
CA GLY B 136 4.61 15.98 -13.01
C GLY B 136 5.31 15.54 -11.75
N GLU B 137 4.68 15.75 -10.60
CA GLU B 137 5.25 15.33 -9.33
C GLU B 137 5.27 13.88 -9.13
N ILE B 138 4.22 13.23 -9.51
CA ILE B 138 4.26 11.75 -9.42
C ILE B 138 5.32 11.21 -10.32
N LEU B 139 5.33 11.77 -11.45
CA LEU B 139 6.25 11.30 -12.49
C LEU B 139 7.68 11.45 -12.12
N ALA B 140 7.91 12.54 -11.37
CA ALA B 140 9.21 12.93 -10.87
C ALA B 140 9.68 12.17 -9.65
N GLU B 141 8.77 11.54 -8.97
CA GLU B 141 9.12 10.72 -7.79
C GLU B 141 8.97 9.28 -7.97
N VAL B 142 8.43 8.78 -9.04
CA VAL B 142 8.25 7.32 -9.21
C VAL B 142 9.50 6.76 -9.97
#